data_4PO6
#
_entry.id   4PO6
#
_cell.length_a   186.768
_cell.length_b   52.422
_cell.length_c   70.163
_cell.angle_alpha   90.00
_cell.angle_beta   108.09
_cell.angle_gamma   90.00
#
_symmetry.space_group_name_H-M   'C 1 2 1'
#
loop_
_entity.id
_entity.type
_entity.pdbx_description
1 polymer 'Non-receptor tyrosine-protein kinase TYK2'
2 polymer 'Interferon alpha/beta receptor 1'
3 non-polymer GLYCEROL
4 water water
#
loop_
_entity_poly.entity_id
_entity_poly.type
_entity_poly.pdbx_seq_one_letter_code
_entity_poly.pdbx_strand_id
1 'polypeptide(L)'
;GSAAMGGLKVLLHWAGPGGGEPWVTFSESSLTAEEVCIHIAHKVGITPPCFNLFALFDAQAQVWLPPNHILEIPRDASLM
LYFRIRFYFRNWHGMNPREPAVYRCGPPGTEASSDQTAQGMQLLDPASFEYLFEQGKHEFVNDVASLWELSTEEEIHHFK
NESLGMAFLHLCHLALRHGIPLEEVAKKTSFKDCIPRSFRRHIRQHSALTRLRLRNVFRRFLRDFQPGRLSQQMVMVKYL
ATLERLAPRFGTERVPVCHLRLLAQAEGEPCYIRDSGVAPTDPGPESAAGPPTHEVLVTGTGGIQWWPVEEEVNKEEGSS
GSSGRNPQASLFGKKAKAHKAVGQPADRPREPLWAYFCDFRDITHVVLKEHCVSIHRQDNKCLELSLPSRAAALSFVSLV
DGYFRLTADSSHYLCHEVAPPRLVMSIRDGIHGPLLEPFVQAKLRPEDGLYLIHWSTSHPYRLILTVAQRSQAPDGMQSL
RLRKFPIEQQDGAFVLEGWGRSFPSVRELGAALQGCLLRAGDDCFSLRRCCLPQPGETSNLIIMRGARASPRTLNLSQLS
FHRGSGS
;
A
2 'polypeptide(L)' GSGSIDEYFSEQPLKNLLLSTSEEQIEKCFIIEN B
#
loop_
_chem_comp.id
_chem_comp.type
_chem_comp.name
_chem_comp.formula
GOL non-polymer GLYCEROL 'C3 H8 O3'
#
# COMPACT_ATOMS: atom_id res chain seq x y z
N GLY A 6 -10.65 18.83 -19.32
CA GLY A 6 -11.11 19.52 -18.12
C GLY A 6 -10.53 19.00 -16.81
N GLY A 7 -9.22 18.96 -16.71
CA GLY A 7 -8.52 18.51 -15.50
C GLY A 7 -8.13 17.04 -15.50
N LEU A 8 -7.35 16.64 -14.50
CA LEU A 8 -6.89 15.27 -14.31
C LEU A 8 -7.95 14.44 -13.60
N LYS A 9 -8.46 13.42 -14.30
CA LYS A 9 -9.50 12.52 -13.79
C LYS A 9 -8.81 11.24 -13.34
N VAL A 10 -8.83 10.99 -12.03
CA VAL A 10 -8.24 9.77 -11.47
C VAL A 10 -9.36 8.79 -11.22
N LEU A 11 -9.27 7.59 -11.83
CA LEU A 11 -10.30 6.55 -11.68
C LEU A 11 -10.18 5.72 -10.42
N LEU A 12 -11.34 5.40 -9.79
CA LEU A 12 -11.44 4.61 -8.57
C LEU A 12 -12.13 3.29 -8.82
N HIS A 13 -11.74 2.23 -8.07
CA HIS A 13 -12.43 0.94 -8.16
C HIS A 13 -13.56 0.96 -7.16
N TRP A 14 -13.49 1.90 -6.21
CA TRP A 14 -14.48 2.05 -5.14
C TRP A 14 -14.53 3.51 -4.72
N ALA A 15 -15.74 4.06 -4.55
CA ALA A 15 -15.87 5.48 -4.15
C ALA A 15 -15.83 5.72 -2.66
N GLY A 16 -15.74 4.63 -1.88
CA GLY A 16 -15.69 4.69 -0.44
C GLY A 16 -17.09 4.75 0.13
N PRO A 17 -17.28 4.87 1.47
CA PRO A 17 -18.65 4.96 2.01
C PRO A 17 -19.32 6.25 1.53
N GLY A 18 -20.64 6.24 1.43
CA GLY A 18 -21.39 7.38 0.90
C GLY A 18 -21.58 7.21 -0.59
N GLY A 19 -20.50 6.83 -1.28
CA GLY A 19 -20.48 6.53 -2.70
C GLY A 19 -20.32 7.72 -3.62
N GLY A 20 -20.99 7.62 -4.76
CA GLY A 20 -20.94 8.65 -5.80
C GLY A 20 -20.11 8.19 -6.99
N GLU A 21 -19.63 9.15 -7.77
CA GLU A 21 -18.85 8.88 -8.98
C GLU A 21 -17.48 8.22 -8.69
N PRO A 22 -17.19 7.07 -9.34
CA PRO A 22 -15.91 6.38 -9.11
C PRO A 22 -14.69 7.06 -9.77
N TRP A 23 -14.50 8.34 -9.44
CA TRP A 23 -13.39 9.15 -9.90
C TRP A 23 -13.24 10.40 -9.06
N VAL A 24 -12.09 11.03 -9.15
CA VAL A 24 -11.77 12.30 -8.51
C VAL A 24 -11.06 13.11 -9.58
N THR A 25 -11.56 14.33 -9.81
CA THR A 25 -11.02 15.29 -10.77
C THR A 25 -10.21 16.36 -10.03
N PHE A 26 -8.98 16.60 -10.49
CA PHE A 26 -8.07 17.57 -9.90
C PHE A 26 -7.83 18.74 -10.88
N SER A 27 -8.00 19.99 -10.40
CA SER A 27 -7.83 21.19 -11.24
C SER A 27 -6.57 22.02 -10.92
N GLU A 28 -5.85 21.69 -9.81
CA GLU A 28 -4.63 22.37 -9.35
C GLU A 28 -3.57 22.38 -10.44
N SER A 29 -2.83 23.49 -10.59
CA SER A 29 -1.81 23.65 -11.63
C SER A 29 -0.74 22.56 -11.61
N SER A 30 -0.25 22.21 -10.42
CA SER A 30 0.69 21.11 -10.23
C SER A 30 0.42 20.46 -8.88
N LEU A 31 0.62 19.13 -8.84
CA LEU A 31 0.42 18.27 -7.67
C LEU A 31 1.37 17.11 -7.79
N THR A 32 1.77 16.54 -6.64
CA THR A 32 2.59 15.33 -6.63
C THR A 32 1.62 14.15 -6.67
N ALA A 33 2.08 12.99 -7.16
CA ALA A 33 1.31 11.73 -7.13
C ALA A 33 0.93 11.38 -5.67
N GLU A 34 1.83 11.69 -4.71
CA GLU A 34 1.61 11.43 -3.28
C GLU A 34 0.43 12.28 -2.76
N GLU A 35 0.40 13.59 -3.10
CA GLU A 35 -0.69 14.51 -2.65
C GLU A 35 -2.03 13.98 -3.13
N VAL A 36 -2.06 13.57 -4.39
CA VAL A 36 -3.23 12.94 -5.04
C VAL A 36 -3.66 11.68 -4.25
N CYS A 37 -2.71 10.74 -4.00
CA CYS A 37 -3.06 9.49 -3.29
C CYS A 37 -3.55 9.72 -1.89
N ILE A 38 -2.93 10.66 -1.14
CA ILE A 38 -3.36 10.99 0.21
C ILE A 38 -4.76 11.59 0.17
N HIS A 39 -5.02 12.55 -0.75
CA HIS A 39 -6.35 13.14 -0.90
C HIS A 39 -7.40 12.05 -1.16
N ILE A 40 -7.12 11.16 -2.14
CA ILE A 40 -8.07 10.07 -2.46
C ILE A 40 -8.22 9.07 -1.31
N ALA A 41 -7.09 8.64 -0.69
CA ALA A 41 -7.14 7.68 0.42
C ALA A 41 -8.08 8.19 1.52
N HIS A 42 -7.95 9.46 1.91
CA HIS A 42 -8.79 10.11 2.91
C HIS A 42 -10.26 10.16 2.53
N LYS A 43 -10.57 10.56 1.26
CA LYS A 43 -11.94 10.61 0.73
C LYS A 43 -12.59 9.23 0.82
N VAL A 44 -11.83 8.16 0.52
CA VAL A 44 -12.27 6.76 0.52
C VAL A 44 -12.39 6.13 1.95
N GLY A 45 -11.75 6.73 2.94
CA GLY A 45 -11.79 6.23 4.31
C GLY A 45 -10.57 5.46 4.73
N ILE A 46 -9.58 5.32 3.81
CA ILE A 46 -8.31 4.66 4.10
C ILE A 46 -7.59 5.51 5.20
N THR A 47 -7.00 4.85 6.21
CA THR A 47 -6.34 5.55 7.32
C THR A 47 -4.85 5.75 7.05
N PRO A 48 -4.20 6.77 7.70
CA PRO A 48 -2.74 6.97 7.52
C PRO A 48 -1.82 5.74 7.57
N PRO A 49 -1.97 4.73 8.48
CA PRO A 49 -1.08 3.55 8.40
C PRO A 49 -1.20 2.73 7.12
N CYS A 50 -2.23 3.00 6.30
CA CYS A 50 -2.44 2.28 5.04
C CYS A 50 -2.14 3.06 3.74
N PHE A 51 -1.86 4.38 3.87
CA PHE A 51 -1.61 5.29 2.73
C PHE A 51 -0.54 4.78 1.79
N ASN A 52 0.57 4.26 2.34
CA ASN A 52 1.72 3.83 1.52
C ASN A 52 1.52 2.49 0.78
N LEU A 53 0.32 1.89 0.92
CA LEU A 53 0.02 0.70 0.12
C LEU A 53 -0.47 1.08 -1.28
N PHE A 54 -0.91 2.34 -1.45
CA PHE A 54 -1.54 2.87 -2.67
C PHE A 54 -0.60 3.68 -3.56
N ALA A 55 -0.88 3.68 -4.88
CA ALA A 55 -0.11 4.41 -5.87
C ALA A 55 -1.01 4.66 -7.05
N LEU A 56 -0.49 5.39 -8.06
CA LEU A 56 -1.23 5.68 -9.29
C LEU A 56 -0.66 4.89 -10.43
N PHE A 57 -1.56 4.19 -11.15
CA PHE A 57 -1.21 3.39 -12.31
C PHE A 57 -1.68 4.04 -13.61
N ASP A 58 -0.73 4.25 -14.56
CA ASP A 58 -1.05 4.75 -15.89
C ASP A 58 -1.44 3.53 -16.70
N ALA A 59 -2.76 3.32 -16.88
CA ALA A 59 -3.28 2.15 -17.59
C ALA A 59 -2.91 2.05 -19.10
N GLN A 60 -2.62 3.18 -19.76
CA GLN A 60 -2.26 3.17 -21.18
C GLN A 60 -0.78 2.88 -21.37
N ALA A 61 0.10 3.60 -20.63
CA ALA A 61 1.55 3.38 -20.69
C ALA A 61 1.97 2.10 -19.93
N GLN A 62 1.09 1.57 -19.06
CA GLN A 62 1.33 0.36 -18.25
C GLN A 62 2.50 0.54 -17.25
N VAL A 63 2.57 1.75 -16.63
CA VAL A 63 3.57 2.14 -15.65
C VAL A 63 2.86 2.78 -14.47
N TRP A 64 3.51 2.70 -13.32
CA TRP A 64 3.01 3.32 -12.11
C TRP A 64 3.78 4.59 -11.94
N LEU A 65 3.17 5.54 -11.25
CA LEU A 65 3.89 6.77 -11.03
C LEU A 65 4.69 6.70 -9.72
N PRO A 66 5.97 7.18 -9.69
CA PRO A 66 6.69 7.30 -8.40
C PRO A 66 5.94 8.34 -7.56
N PRO A 67 6.06 8.28 -6.22
CA PRO A 67 5.26 9.18 -5.38
C PRO A 67 5.63 10.68 -5.46
N ASN A 68 6.84 11.01 -6.01
CA ASN A 68 7.28 12.40 -6.19
C ASN A 68 6.95 12.92 -7.59
N HIS A 69 6.18 12.12 -8.38
CA HIS A 69 5.85 12.52 -9.75
C HIS A 69 5.01 13.80 -9.74
N ILE A 70 5.45 14.77 -10.53
CA ILE A 70 4.74 16.06 -10.63
C ILE A 70 3.64 15.97 -11.68
N LEU A 71 2.39 16.02 -11.23
CA LEU A 71 1.30 16.01 -12.21
C LEU A 71 0.95 17.47 -12.49
N GLU A 72 0.79 17.84 -13.77
CA GLU A 72 0.50 19.22 -14.18
C GLU A 72 -0.78 19.36 -14.98
N ILE A 73 -1.63 20.34 -14.62
CA ILE A 73 -2.88 20.64 -15.33
C ILE A 73 -2.73 22.04 -15.98
N PRO A 74 -3.08 22.21 -17.29
CA PRO A 74 -3.73 21.26 -18.21
C PRO A 74 -2.91 20.15 -18.86
N ARG A 75 -1.55 20.26 -18.86
CA ARG A 75 -0.66 19.31 -19.55
C ARG A 75 -1.05 17.82 -19.47
N ASP A 76 -1.52 17.35 -18.31
CA ASP A 76 -1.84 15.94 -18.07
C ASP A 76 -3.33 15.62 -18.04
N ALA A 77 -4.18 16.54 -18.59
CA ALA A 77 -5.63 16.35 -18.58
C ALA A 77 -6.09 15.09 -19.31
N SER A 78 -5.28 14.57 -20.28
CA SER A 78 -5.62 13.36 -21.02
C SER A 78 -5.10 12.03 -20.41
N LEU A 79 -4.26 12.07 -19.34
CA LEU A 79 -3.75 10.82 -18.70
C LEU A 79 -4.88 9.95 -18.15
N MET A 80 -4.79 8.62 -18.39
CA MET A 80 -5.73 7.65 -17.84
C MET A 80 -5.04 6.97 -16.62
N LEU A 81 -5.36 7.46 -15.43
CA LEU A 81 -4.75 7.00 -14.20
C LEU A 81 -5.74 6.34 -13.31
N TYR A 82 -5.30 5.24 -12.68
CA TYR A 82 -6.10 4.57 -11.64
C TYR A 82 -5.36 4.66 -10.30
N PHE A 83 -6.15 4.84 -9.25
CA PHE A 83 -5.74 4.78 -7.84
C PHE A 83 -5.90 3.30 -7.49
N ARG A 84 -4.80 2.66 -7.10
CA ARG A 84 -4.82 1.22 -6.80
C ARG A 84 -3.90 0.87 -5.63
N ILE A 85 -4.12 -0.33 -5.02
CA ILE A 85 -3.18 -0.90 -4.05
C ILE A 85 -2.05 -1.43 -4.94
N ARG A 86 -0.84 -1.03 -4.67
CA ARG A 86 0.32 -1.49 -5.42
C ARG A 86 1.11 -2.47 -4.54
N PHE A 87 1.20 -2.19 -3.22
CA PHE A 87 2.03 -3.00 -2.33
C PHE A 87 1.17 -4.03 -1.65
N TYR A 88 1.42 -5.27 -2.03
CA TYR A 88 0.58 -6.39 -1.65
C TYR A 88 1.32 -7.54 -1.03
N PHE A 89 0.68 -8.20 -0.06
CA PHE A 89 1.29 -9.35 0.59
C PHE A 89 0.38 -10.53 0.45
N ARG A 90 0.79 -11.45 -0.42
CA ARG A 90 -0.02 -12.65 -0.66
C ARG A 90 -0.25 -13.44 0.64
N ASN A 91 -1.46 -13.98 0.81
CA ASN A 91 -1.89 -14.71 2.01
C ASN A 91 -1.98 -13.85 3.29
N TRP A 92 -2.19 -12.52 3.14
CA TRP A 92 -2.34 -11.57 4.28
C TRP A 92 -3.56 -11.96 5.18
N HIS A 93 -4.59 -12.56 4.56
CA HIS A 93 -5.83 -13.02 5.21
C HIS A 93 -5.58 -14.32 6.01
N GLY A 94 -4.52 -15.03 5.64
CA GLY A 94 -4.09 -16.27 6.27
C GLY A 94 -5.05 -17.43 6.04
N MET A 95 -5.50 -17.62 4.79
CA MET A 95 -6.41 -18.71 4.45
C MET A 95 -5.77 -19.89 3.72
N ASN A 96 -4.57 -19.69 3.14
CA ASN A 96 -3.81 -20.76 2.50
C ASN A 96 -2.79 -21.28 3.54
N PRO A 97 -2.96 -22.53 4.05
CA PRO A 97 -2.00 -23.03 5.06
C PRO A 97 -0.59 -23.30 4.51
N ARG A 98 -0.47 -23.63 3.21
CA ARG A 98 0.80 -23.93 2.53
C ARG A 98 1.76 -22.73 2.41
N GLU A 99 1.29 -21.51 2.75
CA GLU A 99 2.14 -20.31 2.70
C GLU A 99 2.13 -19.46 3.99
N PRO A 100 3.22 -18.73 4.31
CA PRO A 100 3.27 -17.98 5.58
C PRO A 100 2.25 -16.85 5.76
N ALA A 101 2.07 -16.46 7.02
CA ALA A 101 1.18 -15.39 7.46
C ALA A 101 1.91 -14.02 7.37
N VAL A 102 1.24 -13.02 7.50
CA VAL A 102 1.80 -11.69 7.32
C VAL A 102 1.19 -10.77 8.37
N TYR A 103 1.83 -9.93 9.10
CA TYR A 103 1.28 -9.06 10.15
C TYR A 103 2.13 -7.82 10.38
N ARG A 104 1.55 -6.79 11.00
CA ARG A 104 2.35 -5.62 11.38
C ARG A 104 3.02 -5.97 12.69
N CYS A 105 4.22 -5.40 12.99
CA CYS A 105 4.88 -5.69 14.28
C CYS A 105 3.95 -5.35 15.43
N GLY A 106 3.95 -6.23 16.42
CA GLY A 106 3.15 -6.08 17.64
C GLY A 106 3.87 -5.23 18.68
N PRO A 107 3.14 -4.77 19.74
CA PRO A 107 3.78 -3.92 20.77
C PRO A 107 4.98 -4.58 21.44
N PRO A 108 5.98 -3.81 21.97
CA PRO A 108 7.15 -4.46 22.58
C PRO A 108 6.80 -5.36 23.78
N GLY A 109 7.57 -6.44 23.94
CA GLY A 109 7.38 -7.43 25.00
C GLY A 109 6.18 -8.32 24.80
N GLN A 119 -5.32 -4.25 19.04
CA GLN A 119 -4.25 -5.11 18.54
C GLN A 119 -3.27 -4.34 17.64
N GLY A 120 -3.75 -3.80 16.51
CA GLY A 120 -2.93 -3.05 15.56
C GLY A 120 -1.93 -3.85 14.74
N MET A 121 -2.15 -5.17 14.63
CA MET A 121 -1.25 -6.06 13.88
C MET A 121 -1.77 -6.42 12.48
N GLN A 122 -3.01 -6.03 12.20
CA GLN A 122 -3.67 -6.31 10.91
C GLN A 122 -3.12 -5.39 9.81
N LEU A 123 -2.83 -5.95 8.64
CA LEU A 123 -2.28 -5.20 7.52
C LEU A 123 -3.23 -4.11 7.02
N LEU A 124 -4.51 -4.46 6.82
CA LEU A 124 -5.49 -3.56 6.22
C LEU A 124 -6.56 -3.06 7.17
N ASP A 125 -7.01 -1.81 6.93
CA ASP A 125 -8.13 -1.17 7.60
C ASP A 125 -9.41 -1.50 6.80
N PRO A 126 -10.64 -1.30 7.35
CA PRO A 126 -11.85 -1.67 6.59
C PRO A 126 -11.95 -1.11 5.17
N ALA A 127 -11.57 0.17 4.97
CA ALA A 127 -11.70 0.80 3.66
C ALA A 127 -10.64 0.30 2.66
N SER A 128 -9.41 -0.07 3.12
CA SER A 128 -8.35 -0.61 2.26
C SER A 128 -8.74 -2.02 1.77
N PHE A 129 -9.48 -2.77 2.63
CA PHE A 129 -9.94 -4.14 2.34
C PHE A 129 -11.03 -4.07 1.27
N GLU A 130 -12.04 -3.20 1.47
CA GLU A 130 -13.09 -3.01 0.47
C GLU A 130 -12.55 -2.48 -0.87
N TYR A 131 -11.53 -1.62 -0.84
CA TYR A 131 -10.94 -1.12 -2.08
C TYR A 131 -10.25 -2.29 -2.76
N LEU A 132 -9.49 -3.10 -1.99
CA LEU A 132 -8.81 -4.30 -2.51
C LEU A 132 -9.77 -5.27 -3.20
N PHE A 133 -10.93 -5.51 -2.55
CA PHE A 133 -11.98 -6.40 -3.09
C PHE A 133 -12.51 -5.86 -4.41
N GLU A 134 -12.84 -4.55 -4.46
CA GLU A 134 -13.31 -3.93 -5.70
C GLU A 134 -12.24 -3.97 -6.80
N GLN A 135 -10.97 -3.78 -6.44
CA GLN A 135 -9.86 -3.83 -7.39
C GLN A 135 -9.64 -5.27 -7.91
N GLY A 136 -9.79 -6.24 -7.02
CA GLY A 136 -9.66 -7.67 -7.29
C GLY A 136 -10.67 -8.13 -8.33
N LYS A 137 -11.95 -7.75 -8.16
CA LYS A 137 -13.04 -7.99 -9.12
C LYS A 137 -12.66 -7.42 -10.48
N HIS A 138 -12.10 -6.18 -10.53
CA HIS A 138 -11.68 -5.55 -11.78
C HIS A 138 -10.59 -6.37 -12.50
N GLU A 139 -9.55 -6.73 -11.77
CA GLU A 139 -8.41 -7.53 -12.30
C GLU A 139 -8.86 -8.94 -12.72
N PHE A 140 -9.80 -9.54 -11.94
CA PHE A 140 -10.33 -10.89 -12.23
C PHE A 140 -11.04 -10.90 -13.59
N VAL A 141 -12.02 -10.00 -13.77
CA VAL A 141 -12.76 -9.78 -15.03
C VAL A 141 -11.76 -9.41 -16.15
N ASN A 142 -10.68 -8.70 -15.81
CA ASN A 142 -9.67 -8.29 -16.79
C ASN A 142 -8.53 -9.26 -17.01
N ASP A 143 -8.77 -10.55 -16.74
CA ASP A 143 -7.86 -11.65 -17.04
C ASP A 143 -6.50 -11.66 -16.33
N VAL A 144 -6.46 -11.32 -15.03
CA VAL A 144 -5.20 -11.42 -14.27
C VAL A 144 -4.78 -12.92 -14.26
N ALA A 145 -5.81 -13.80 -14.38
CA ALA A 145 -5.74 -15.25 -14.56
C ALA A 145 -6.56 -15.50 -15.86
N SER A 146 -5.86 -15.86 -16.95
CA SER A 146 -6.46 -16.11 -18.25
C SER A 146 -6.79 -17.60 -18.49
N LEU A 147 -7.93 -17.88 -19.15
CA LEU A 147 -8.27 -19.24 -19.53
C LEU A 147 -7.25 -19.74 -20.60
N TRP A 148 -6.74 -18.83 -21.44
CA TRP A 148 -5.80 -19.19 -22.50
C TRP A 148 -4.47 -19.78 -22.02
N GLU A 149 -4.03 -19.43 -20.80
CA GLU A 149 -2.77 -19.90 -20.21
C GLU A 149 -2.78 -21.40 -19.83
N LEU A 150 -3.97 -22.03 -19.84
CA LEU A 150 -4.18 -23.44 -19.46
C LEU A 150 -4.10 -24.41 -20.62
N SER A 151 -3.75 -25.69 -20.34
CA SER A 151 -3.53 -26.73 -21.36
C SER A 151 -4.34 -28.04 -21.20
N THR A 152 -4.36 -28.61 -19.98
CA THR A 152 -5.04 -29.88 -19.69
C THR A 152 -6.53 -29.68 -19.46
N GLU A 153 -7.32 -30.74 -19.69
CA GLU A 153 -8.78 -30.75 -19.47
C GLU A 153 -9.08 -30.51 -17.99
N GLU A 154 -8.28 -31.09 -17.09
CA GLU A 154 -8.46 -30.96 -15.63
C GLU A 154 -8.31 -29.50 -15.18
N GLU A 155 -7.27 -28.79 -15.67
CA GLU A 155 -7.01 -27.37 -15.34
C GLU A 155 -8.12 -26.42 -15.88
N ILE A 156 -8.53 -26.64 -17.17
CA ILE A 156 -9.57 -25.85 -17.85
C ILE A 156 -10.92 -25.98 -17.12
N HIS A 157 -11.34 -27.22 -16.80
CA HIS A 157 -12.58 -27.51 -16.09
C HIS A 157 -12.59 -26.86 -14.71
N HIS A 158 -11.48 -27.00 -13.95
CA HIS A 158 -11.29 -26.42 -12.61
C HIS A 158 -11.42 -24.88 -12.72
N PHE A 159 -10.70 -24.26 -13.69
CA PHE A 159 -10.74 -22.80 -13.87
C PHE A 159 -12.15 -22.27 -14.14
N LYS A 160 -12.94 -23.00 -14.97
CA LYS A 160 -14.29 -22.60 -15.34
C LYS A 160 -15.22 -22.71 -14.15
N ASN A 161 -15.11 -23.81 -13.38
CA ASN A 161 -15.94 -24.07 -12.20
C ASN A 161 -15.66 -23.07 -11.08
N GLU A 162 -14.37 -22.78 -10.86
CA GLU A 162 -13.88 -21.79 -9.90
C GLU A 162 -14.33 -20.39 -10.32
N SER A 163 -14.26 -20.07 -11.63
CA SER A 163 -14.73 -18.75 -12.12
C SER A 163 -16.22 -18.55 -11.87
N LEU A 164 -17.01 -19.65 -11.95
CA LEU A 164 -18.45 -19.59 -11.67
C LEU A 164 -18.74 -19.39 -10.20
N GLY A 165 -17.95 -20.02 -9.35
CA GLY A 165 -18.02 -19.88 -7.91
C GLY A 165 -17.67 -18.45 -7.50
N MET A 166 -16.69 -17.84 -8.21
CA MET A 166 -16.27 -16.45 -8.01
C MET A 166 -17.38 -15.49 -8.45
N ALA A 167 -18.05 -15.78 -9.60
CA ALA A 167 -19.16 -14.95 -10.07
C ALA A 167 -20.32 -15.04 -9.07
N PHE A 168 -20.49 -16.20 -8.43
CA PHE A 168 -21.51 -16.45 -7.40
C PHE A 168 -21.20 -15.58 -6.18
N LEU A 169 -19.93 -15.56 -5.73
CA LEU A 169 -19.51 -14.71 -4.59
C LEU A 169 -19.72 -13.22 -4.91
N HIS A 170 -19.34 -12.79 -6.14
CA HIS A 170 -19.51 -11.41 -6.64
C HIS A 170 -21.00 -10.93 -6.46
N LEU A 171 -21.98 -11.77 -6.90
CA LEU A 171 -23.41 -11.44 -6.81
C LEU A 171 -23.97 -11.50 -5.39
N CYS A 172 -23.49 -12.46 -4.55
CA CYS A 172 -23.86 -12.59 -3.12
C CYS A 172 -23.49 -11.31 -2.39
N HIS A 173 -22.27 -10.78 -2.65
CA HIS A 173 -21.79 -9.54 -2.03
C HIS A 173 -22.74 -8.39 -2.38
N LEU A 174 -23.07 -8.24 -3.68
CA LEU A 174 -23.97 -7.20 -4.18
C LEU A 174 -25.34 -7.24 -3.52
N ALA A 175 -25.85 -8.47 -3.27
CA ALA A 175 -27.14 -8.70 -2.61
C ALA A 175 -27.08 -8.13 -1.21
N LEU A 176 -26.03 -8.48 -0.43
CA LEU A 176 -25.81 -8.02 0.94
C LEU A 176 -25.53 -6.51 1.02
N ARG A 177 -24.65 -5.97 0.15
CA ARG A 177 -24.31 -4.53 0.08
C ARG A 177 -25.57 -3.65 -0.18
N HIS A 178 -26.39 -4.01 -1.17
CA HIS A 178 -27.58 -3.24 -1.51
C HIS A 178 -28.85 -3.61 -0.70
N GLY A 179 -28.76 -4.67 0.11
CA GLY A 179 -29.85 -5.15 0.95
C GLY A 179 -31.08 -5.58 0.18
N ILE A 180 -30.85 -6.38 -0.87
CA ILE A 180 -31.87 -6.92 -1.76
C ILE A 180 -31.63 -8.44 -1.93
N PRO A 181 -32.67 -9.29 -2.20
CA PRO A 181 -32.41 -10.73 -2.37
C PRO A 181 -31.55 -11.05 -3.59
N LEU A 182 -30.79 -12.16 -3.53
CA LEU A 182 -29.88 -12.63 -4.59
C LEU A 182 -30.53 -12.76 -5.97
N GLU A 183 -31.82 -13.14 -6.01
CA GLU A 183 -32.56 -13.33 -7.25
C GLU A 183 -32.73 -12.03 -8.06
N GLU A 184 -32.98 -10.88 -7.38
CA GLU A 184 -33.09 -9.61 -8.11
C GLU A 184 -31.76 -9.06 -8.63
N VAL A 185 -30.63 -9.43 -7.97
CA VAL A 185 -29.26 -9.08 -8.39
C VAL A 185 -28.94 -9.91 -9.65
N ALA A 186 -29.19 -11.25 -9.58
CA ALA A 186 -28.98 -12.22 -10.66
C ALA A 186 -29.75 -11.84 -11.96
N LYS A 187 -30.83 -11.09 -11.83
CA LYS A 187 -31.52 -10.66 -13.02
C LYS A 187 -31.06 -9.35 -13.62
N LYS A 188 -30.48 -8.48 -12.80
CA LYS A 188 -29.85 -7.25 -13.29
C LYS A 188 -28.38 -7.43 -13.72
N THR A 189 -27.66 -8.36 -13.05
CA THR A 189 -26.25 -8.63 -13.34
C THR A 189 -26.04 -10.09 -13.74
N SER A 190 -25.44 -10.30 -14.92
CA SER A 190 -25.14 -11.62 -15.47
C SER A 190 -23.85 -12.20 -14.87
N PHE A 191 -23.77 -13.55 -14.74
CA PHE A 191 -22.54 -14.22 -14.33
C PHE A 191 -21.42 -13.93 -15.36
N LYS A 192 -21.80 -13.69 -16.64
CA LYS A 192 -20.85 -13.41 -17.73
C LYS A 192 -20.07 -12.11 -17.54
N ASP A 193 -20.60 -11.18 -16.75
CA ASP A 193 -19.93 -9.92 -16.46
C ASP A 193 -19.03 -10.03 -15.21
N CYS A 194 -19.07 -11.20 -14.50
CA CYS A 194 -18.33 -11.44 -13.26
C CYS A 194 -17.24 -12.49 -13.41
N ILE A 195 -16.95 -12.92 -14.63
CA ILE A 195 -15.96 -13.98 -14.86
C ILE A 195 -14.82 -13.38 -15.68
N PRO A 196 -13.65 -14.03 -15.82
CA PRO A 196 -12.60 -13.47 -16.70
C PRO A 196 -13.10 -13.25 -18.13
N ARG A 197 -12.65 -12.17 -18.79
CA ARG A 197 -13.01 -11.89 -20.19
C ARG A 197 -12.65 -13.00 -21.16
N SER A 198 -11.55 -13.73 -20.91
CA SER A 198 -11.13 -14.87 -21.73
C SER A 198 -12.17 -16.02 -21.64
N PHE A 199 -12.80 -16.19 -20.48
CA PHE A 199 -13.83 -17.19 -20.28
C PHE A 199 -15.14 -16.71 -20.96
N ARG A 200 -15.48 -15.42 -20.79
CA ARG A 200 -16.66 -14.82 -21.46
C ARG A 200 -16.57 -14.97 -22.99
N ARG A 201 -15.37 -14.67 -23.58
CA ARG A 201 -15.17 -14.84 -25.02
C ARG A 201 -15.31 -16.31 -25.42
N HIS A 202 -14.79 -17.25 -24.59
CA HIS A 202 -14.87 -18.69 -24.84
C HIS A 202 -16.34 -19.12 -24.95
N ILE A 203 -17.16 -18.73 -23.97
CA ILE A 203 -18.59 -19.07 -23.97
C ILE A 203 -19.26 -18.60 -25.26
N ARG A 204 -19.08 -17.29 -25.61
CA ARG A 204 -19.66 -16.67 -26.80
C ARG A 204 -19.28 -17.43 -28.09
N GLN A 205 -18.00 -17.87 -28.22
CA GLN A 205 -17.49 -18.54 -29.43
C GLN A 205 -17.87 -20.04 -29.50
N HIS A 206 -18.21 -20.64 -28.36
CA HIS A 206 -18.52 -22.06 -28.30
C HIS A 206 -20.00 -22.39 -28.55
N SER A 207 -20.41 -23.64 -28.38
CA SER A 207 -21.76 -24.07 -28.70
C SER A 207 -22.89 -23.46 -27.90
N ALA A 208 -24.09 -23.38 -28.53
CA ALA A 208 -25.31 -22.85 -27.91
C ALA A 208 -25.80 -23.75 -26.78
N LEU A 209 -25.52 -25.07 -26.86
CA LEU A 209 -25.88 -26.02 -25.81
C LEU A 209 -24.95 -25.89 -24.63
N THR A 210 -23.64 -25.58 -24.87
CA THR A 210 -22.67 -25.31 -23.79
C THR A 210 -23.15 -24.06 -23.01
N ARG A 211 -23.67 -23.01 -23.72
CA ARG A 211 -24.18 -21.77 -23.12
C ARG A 211 -25.33 -22.07 -22.18
N LEU A 212 -26.31 -22.88 -22.66
CA LEU A 212 -27.48 -23.34 -21.92
C LEU A 212 -27.06 -24.13 -20.66
N ARG A 213 -26.04 -24.98 -20.79
CA ARG A 213 -25.53 -25.81 -19.69
C ARG A 213 -24.87 -24.98 -18.60
N LEU A 214 -24.01 -24.00 -19.00
CA LEU A 214 -23.34 -23.08 -18.07
C LEU A 214 -24.35 -22.20 -17.35
N ARG A 215 -25.44 -21.82 -18.04
CA ARG A 215 -26.51 -21.02 -17.47
C ARG A 215 -27.23 -21.81 -16.34
N ASN A 216 -27.43 -23.13 -16.56
CA ASN A 216 -28.07 -24.06 -15.62
C ASN A 216 -27.16 -24.40 -14.45
N VAL A 217 -25.86 -24.58 -14.71
CA VAL A 217 -24.85 -24.83 -13.68
C VAL A 217 -24.80 -23.61 -12.72
N PHE A 218 -24.86 -22.39 -13.28
CA PHE A 218 -24.85 -21.17 -12.48
C PHE A 218 -26.15 -20.98 -11.69
N ARG A 219 -27.31 -21.26 -12.33
CA ARG A 219 -28.61 -21.16 -11.65
C ARG A 219 -28.73 -22.13 -10.46
N ARG A 220 -27.98 -23.25 -10.52
CA ARG A 220 -27.88 -24.27 -9.48
C ARG A 220 -27.03 -23.72 -8.32
N PHE A 221 -25.91 -23.04 -8.65
CA PHE A 221 -25.01 -22.40 -7.67
C PHE A 221 -25.84 -21.40 -6.83
N LEU A 222 -26.77 -20.67 -7.49
CA LEU A 222 -27.67 -19.70 -6.88
C LEU A 222 -28.64 -20.34 -5.89
N ARG A 223 -29.14 -21.57 -6.19
CA ARG A 223 -30.07 -22.31 -5.35
C ARG A 223 -29.44 -22.82 -4.06
N ASP A 224 -28.13 -23.12 -4.08
CA ASP A 224 -27.40 -23.57 -2.89
C ASP A 224 -26.84 -22.40 -2.05
N PHE A 225 -27.55 -21.25 -2.07
CA PHE A 225 -27.20 -20.08 -1.28
C PHE A 225 -28.06 -20.04 -0.02
N GLN A 226 -27.44 -19.74 1.13
CA GLN A 226 -28.13 -19.67 2.42
C GLN A 226 -28.18 -18.23 2.96
N PRO A 227 -29.39 -17.62 3.08
CA PRO A 227 -29.46 -16.25 3.62
C PRO A 227 -29.28 -16.23 5.13
N GLY A 228 -28.21 -15.57 5.57
CA GLY A 228 -27.84 -15.44 6.98
C GLY A 228 -26.63 -16.27 7.36
N ARG A 229 -26.07 -17.02 6.40
CA ARG A 229 -24.89 -17.88 6.59
C ARG A 229 -23.60 -17.06 6.59
N LEU A 230 -23.47 -16.13 5.63
CA LEU A 230 -22.28 -15.30 5.44
C LEU A 230 -22.52 -13.80 5.53
N SER A 231 -21.51 -13.07 6.04
CA SER A 231 -21.48 -11.61 6.14
C SER A 231 -20.76 -11.07 4.87
N GLN A 232 -20.91 -9.75 4.59
CA GLN A 232 -20.25 -9.04 3.48
C GLN A 232 -18.73 -9.26 3.51
N GLN A 233 -18.14 -9.22 4.72
CA GLN A 233 -16.71 -9.38 4.98
C GLN A 233 -16.24 -10.78 4.62
N MET A 234 -17.00 -11.81 5.07
CA MET A 234 -16.66 -13.20 4.78
C MET A 234 -16.71 -13.53 3.28
N VAL A 235 -17.70 -12.97 2.55
CA VAL A 235 -17.84 -13.14 1.10
C VAL A 235 -16.58 -12.57 0.40
N MET A 236 -16.17 -11.34 0.84
CA MET A 236 -15.00 -10.62 0.34
C MET A 236 -13.70 -11.37 0.56
N VAL A 237 -13.43 -11.85 1.80
CA VAL A 237 -12.19 -12.59 2.12
C VAL A 237 -12.08 -13.86 1.26
N LYS A 238 -13.19 -14.63 1.18
CA LYS A 238 -13.24 -15.86 0.39
C LYS A 238 -12.95 -15.57 -1.08
N TYR A 239 -13.58 -14.51 -1.64
CA TYR A 239 -13.39 -14.04 -3.00
C TYR A 239 -11.89 -13.78 -3.23
N LEU A 240 -11.30 -12.89 -2.38
CA LEU A 240 -9.88 -12.54 -2.44
C LEU A 240 -8.95 -13.71 -2.26
N ALA A 241 -9.25 -14.60 -1.28
CA ALA A 241 -8.43 -15.80 -1.08
C ALA A 241 -8.53 -16.75 -2.27
N THR A 242 -9.74 -16.88 -2.87
CA THR A 242 -9.91 -17.72 -4.09
C THR A 242 -9.16 -17.10 -5.28
N LEU A 243 -9.24 -15.75 -5.42
CA LEU A 243 -8.54 -15.04 -6.48
C LEU A 243 -7.03 -15.33 -6.45
N GLU A 244 -6.42 -15.28 -5.25
CA GLU A 244 -5.01 -15.59 -5.04
C GLU A 244 -4.69 -16.99 -5.53
N ARG A 245 -5.53 -17.97 -5.16
CA ARG A 245 -5.39 -19.37 -5.58
C ARG A 245 -5.48 -19.47 -7.11
N LEU A 246 -6.47 -18.78 -7.73
CA LEU A 246 -6.66 -18.83 -9.18
C LEU A 246 -5.63 -18.06 -9.97
N ALA A 247 -5.23 -16.87 -9.42
CA ALA A 247 -4.32 -15.98 -10.10
C ALA A 247 -2.96 -15.81 -9.42
N PRO A 248 -1.97 -16.69 -9.75
CA PRO A 248 -0.62 -16.51 -9.17
C PRO A 248 0.03 -15.15 -9.53
N ARG A 249 -0.46 -14.45 -10.56
CA ARG A 249 0.09 -13.13 -10.93
C ARG A 249 -0.57 -11.99 -10.13
N PHE A 250 -1.73 -12.23 -9.50
CA PHE A 250 -2.44 -11.20 -8.73
C PHE A 250 -1.64 -10.70 -7.53
N GLY A 251 -1.45 -9.38 -7.43
CA GLY A 251 -0.71 -8.78 -6.33
C GLY A 251 0.79 -8.90 -6.49
N THR A 252 1.25 -9.23 -7.69
CA THR A 252 2.69 -9.34 -8.01
C THR A 252 2.95 -8.44 -9.18
N GLU A 253 4.22 -8.19 -9.49
CA GLU A 253 4.56 -7.40 -10.65
C GLU A 253 5.72 -8.04 -11.38
N ARG A 254 5.59 -8.22 -12.69
CA ARG A 254 6.61 -8.81 -13.57
CA ARG A 254 6.61 -8.82 -13.59
C ARG A 254 7.05 -7.72 -14.52
N VAL A 255 8.28 -7.27 -14.38
CA VAL A 255 8.78 -6.16 -15.14
C VAL A 255 9.67 -6.58 -16.29
N PRO A 256 9.34 -6.17 -17.55
CA PRO A 256 10.24 -6.48 -18.68
C PRO A 256 11.48 -5.60 -18.67
N VAL A 257 12.65 -6.18 -18.99
CA VAL A 257 13.93 -5.47 -19.04
C VAL A 257 14.59 -5.84 -20.37
N CYS A 258 15.40 -4.94 -20.93
CA CYS A 258 16.04 -5.15 -22.24
C CYS A 258 17.41 -5.71 -22.11
N HIS A 259 17.96 -5.67 -20.89
CA HIS A 259 19.30 -6.14 -20.54
C HIS A 259 19.32 -6.41 -19.05
N LEU A 260 20.01 -7.47 -18.65
CA LEU A 260 20.15 -7.87 -17.26
C LEU A 260 21.53 -8.46 -17.10
N ARG A 261 22.27 -8.01 -16.06
CA ARG A 261 23.60 -8.48 -15.69
C ARG A 261 23.75 -8.53 -14.19
N LEU A 262 24.50 -9.53 -13.72
CA LEU A 262 24.87 -9.68 -12.34
C LEU A 262 26.31 -9.31 -12.28
N LEU A 263 26.66 -8.39 -11.40
CA LEU A 263 28.05 -8.00 -11.27
C LEU A 263 28.48 -7.80 -9.85
N ALA A 264 29.76 -8.09 -9.59
CA ALA A 264 30.42 -7.89 -8.31
C ALA A 264 31.03 -6.48 -8.37
N GLN A 265 30.69 -5.62 -7.38
CA GLN A 265 31.13 -4.21 -7.31
C GLN A 265 32.64 -4.01 -7.39
N ALA A 266 33.44 -4.84 -6.69
CA ALA A 266 34.89 -4.70 -6.71
C ALA A 266 35.53 -5.28 -7.98
N GLU A 267 34.84 -5.05 -9.10
CA GLU A 267 35.24 -5.54 -10.39
C GLU A 267 34.64 -4.69 -11.54
N GLY A 268 33.83 -3.70 -11.19
CA GLY A 268 33.25 -2.74 -12.13
C GLY A 268 32.18 -1.84 -11.55
N GLU A 269 31.97 -0.66 -12.19
CA GLU A 269 30.95 0.30 -11.80
C GLU A 269 29.70 0.08 -12.66
N PRO A 270 28.53 -0.17 -12.03
CA PRO A 270 27.30 -0.38 -12.83
C PRO A 270 26.66 0.95 -13.26
N CYS A 271 25.89 0.92 -14.37
CA CYS A 271 25.22 2.09 -14.97
C CYS A 271 26.23 3.16 -15.40
N TYR A 272 27.53 2.78 -15.59
CA TYR A 272 28.58 3.73 -15.96
C TYR A 272 28.25 4.56 -17.20
N ILE A 273 28.49 5.87 -17.11
CA ILE A 273 28.20 6.81 -18.19
C ILE A 273 29.12 6.68 -19.40
N ARG A 274 28.54 6.26 -20.54
CA ARG A 274 29.22 6.05 -21.81
C ARG A 274 28.81 7.12 -22.85
N ASP A 275 29.79 7.61 -23.63
CA ASP A 275 29.57 8.63 -24.66
C ASP A 275 29.39 8.04 -26.06
N ALA A 289 14.61 0.25 -26.39
CA ALA A 289 15.98 0.18 -26.90
C ALA A 289 16.23 -1.10 -27.68
N GLY A 290 15.57 -2.16 -27.26
CA GLY A 290 15.59 -3.49 -27.83
C GLY A 290 14.43 -4.29 -27.28
N PRO A 291 14.19 -5.52 -27.77
CA PRO A 291 13.07 -6.31 -27.22
C PRO A 291 13.36 -6.78 -25.78
N PRO A 292 12.35 -7.12 -24.94
CA PRO A 292 12.69 -7.60 -23.59
C PRO A 292 13.45 -8.93 -23.62
N THR A 293 14.55 -9.04 -22.85
CA THR A 293 15.33 -10.27 -22.75
C THR A 293 15.00 -11.04 -21.44
N HIS A 294 14.51 -10.32 -20.41
CA HIS A 294 14.21 -10.95 -19.12
C HIS A 294 13.03 -10.25 -18.50
N GLU A 295 12.55 -10.81 -17.41
CA GLU A 295 11.49 -10.24 -16.59
C GLU A 295 12.00 -10.28 -15.19
N VAL A 296 11.79 -9.19 -14.44
CA VAL A 296 12.19 -9.15 -13.05
C VAL A 296 10.86 -9.20 -12.27
N LEU A 297 10.72 -10.14 -11.37
CA LEU A 297 9.51 -10.30 -10.55
C LEU A 297 9.77 -9.71 -9.18
N VAL A 298 8.78 -8.95 -8.67
CA VAL A 298 8.89 -8.32 -7.37
C VAL A 298 7.62 -8.61 -6.61
N THR A 299 7.74 -9.19 -5.42
CA THR A 299 6.56 -9.52 -4.60
C THR A 299 6.88 -9.16 -3.19
N GLY A 300 5.85 -8.82 -2.42
CA GLY A 300 6.01 -8.50 -1.01
C GLY A 300 6.61 -9.59 -0.17
N THR A 301 6.20 -10.85 -0.41
CA THR A 301 6.68 -12.01 0.36
C THR A 301 7.88 -12.72 -0.28
N GLY A 302 8.17 -12.48 -1.56
CA GLY A 302 9.27 -13.20 -2.24
C GLY A 302 10.50 -12.44 -2.63
N GLY A 303 10.49 -11.13 -2.40
CA GLY A 303 11.60 -10.26 -2.77
C GLY A 303 11.74 -10.07 -4.27
N ILE A 304 12.97 -10.11 -4.75
CA ILE A 304 13.31 -9.85 -6.14
C ILE A 304 13.83 -11.08 -6.81
N GLN A 305 13.17 -11.46 -7.91
CA GLN A 305 13.50 -12.61 -8.70
C GLN A 305 13.56 -12.26 -10.16
N TRP A 306 14.26 -13.06 -10.95
CA TRP A 306 14.29 -12.84 -12.39
C TRP A 306 14.28 -14.16 -13.18
N TRP A 307 13.96 -14.08 -14.50
CA TRP A 307 13.96 -15.21 -15.43
C TRP A 307 14.14 -14.77 -16.90
N PRO A 308 14.89 -15.51 -17.77
CA PRO A 308 15.02 -15.03 -19.17
C PRO A 308 13.72 -15.24 -19.95
N VAL A 309 13.48 -14.37 -20.93
CA VAL A 309 12.29 -14.41 -21.77
C VAL A 309 12.57 -15.25 -23.01
N GLU A 351 11.78 -26.13 -18.36
CA GLU A 351 13.02 -25.35 -18.44
C GLU A 351 12.98 -23.92 -17.81
N PRO A 352 11.82 -23.20 -17.65
CA PRO A 352 11.90 -21.86 -17.03
C PRO A 352 11.83 -21.87 -15.50
N LEU A 353 12.60 -21.11 -14.77
CA LEU A 353 12.75 -21.07 -13.31
C LEU A 353 13.11 -19.67 -12.83
N TRP A 354 12.45 -19.16 -11.81
CA TRP A 354 12.80 -17.87 -11.27
C TRP A 354 14.05 -17.93 -10.42
N ALA A 355 15.09 -17.18 -10.77
CA ALA A 355 16.32 -17.08 -9.99
C ALA A 355 16.07 -16.04 -8.89
N TYR A 356 16.62 -16.24 -7.70
CA TYR A 356 16.45 -15.29 -6.62
C TYR A 356 17.61 -14.32 -6.52
N PHE A 357 17.31 -13.00 -6.37
CA PHE A 357 18.35 -11.98 -6.20
C PHE A 357 18.55 -11.60 -4.75
N CYS A 358 17.51 -11.03 -4.09
CA CYS A 358 17.60 -10.62 -2.70
C CYS A 358 16.22 -10.34 -2.12
N ASP A 359 16.17 -10.09 -0.84
CA ASP A 359 14.96 -9.60 -0.19
C ASP A 359 15.22 -8.06 -0.08
N PHE A 360 14.17 -7.27 0.22
CA PHE A 360 14.29 -5.82 0.32
C PHE A 360 15.28 -5.40 1.41
N ARG A 361 15.34 -6.12 2.52
CA ARG A 361 16.29 -5.82 3.60
C ARG A 361 17.77 -6.06 3.27
N ASP A 362 18.08 -6.61 2.10
CA ASP A 362 19.48 -6.82 1.65
C ASP A 362 20.01 -5.65 0.82
N ILE A 363 19.12 -4.73 0.41
CA ILE A 363 19.49 -3.62 -0.46
C ILE A 363 20.05 -2.45 0.32
N THR A 364 21.21 -1.95 -0.11
CA THR A 364 21.87 -0.78 0.50
C THR A 364 21.33 0.49 -0.15
N HIS A 365 21.23 0.48 -1.50
CA HIS A 365 20.70 1.58 -2.32
C HIS A 365 20.39 1.12 -3.74
N VAL A 366 19.66 1.95 -4.50
CA VAL A 366 19.33 1.67 -5.89
C VAL A 366 19.81 2.89 -6.68
N VAL A 367 20.64 2.67 -7.70
CA VAL A 367 21.14 3.73 -8.57
C VAL A 367 20.30 3.76 -9.86
N LEU A 368 19.84 4.94 -10.25
CA LEU A 368 19.05 5.15 -11.47
C LEU A 368 19.75 6.18 -12.35
N LYS A 369 20.15 5.76 -13.55
CA LYS A 369 20.83 6.66 -14.51
C LYS A 369 20.13 6.44 -15.82
N GLU A 370 19.44 7.49 -16.36
CA GLU A 370 18.58 7.43 -17.54
C GLU A 370 17.52 6.32 -17.39
N HIS A 371 17.60 5.27 -18.21
CA HIS A 371 16.65 4.12 -18.13
C HIS A 371 17.35 2.85 -17.51
N CYS A 372 18.54 3.06 -16.92
CA CYS A 372 19.39 2.01 -16.34
CA CYS A 372 19.32 1.99 -16.33
C CYS A 372 19.30 2.01 -14.82
N VAL A 373 19.00 0.83 -14.23
CA VAL A 373 18.85 0.66 -12.79
C VAL A 373 19.86 -0.33 -12.22
N SER A 374 20.47 0.02 -11.09
CA SER A 374 21.40 -0.87 -10.39
C SER A 374 20.92 -1.09 -8.96
N ILE A 375 20.61 -2.36 -8.59
CA ILE A 375 20.18 -2.76 -7.24
C ILE A 375 21.42 -3.29 -6.50
N HIS A 376 21.87 -2.58 -5.47
CA HIS A 376 23.05 -2.92 -4.68
C HIS A 376 22.70 -3.68 -3.43
N ARG A 377 23.29 -4.87 -3.30
CA ARG A 377 23.11 -5.76 -2.17
C ARG A 377 24.19 -5.45 -1.11
N GLN A 378 23.94 -5.78 0.16
CA GLN A 378 24.92 -5.60 1.27
C GLN A 378 26.31 -6.24 0.99
N ASP A 379 26.33 -7.44 0.35
CA ASP A 379 27.58 -8.15 -0.01
C ASP A 379 28.25 -7.58 -1.28
N ASN A 380 27.82 -6.40 -1.74
CA ASN A 380 28.35 -5.72 -2.92
C ASN A 380 28.12 -6.37 -4.28
N LYS A 381 27.11 -7.23 -4.38
CA LYS A 381 26.69 -7.80 -5.67
C LYS A 381 25.61 -6.85 -6.17
N CYS A 382 25.58 -6.67 -7.49
CA CYS A 382 24.69 -5.78 -8.17
CA CYS A 382 24.64 -5.79 -8.18
C CYS A 382 23.86 -6.47 -9.27
N LEU A 383 22.54 -6.18 -9.33
CA LEU A 383 21.61 -6.62 -10.37
C LEU A 383 21.49 -5.35 -11.24
N GLU A 384 22.13 -5.35 -12.42
CA GLU A 384 22.10 -4.24 -13.35
C GLU A 384 20.99 -4.48 -14.41
N LEU A 385 20.06 -3.50 -14.59
CA LEU A 385 18.90 -3.59 -15.48
C LEU A 385 18.76 -2.43 -16.46
N SER A 386 18.33 -2.70 -17.70
CA SER A 386 18.02 -1.62 -18.67
C SER A 386 16.53 -1.73 -18.90
N LEU A 387 15.80 -0.68 -18.55
CA LEU A 387 14.35 -0.67 -18.70
C LEU A 387 13.92 -0.04 -20.03
N PRO A 388 12.71 -0.36 -20.57
CA PRO A 388 12.32 0.20 -21.89
C PRO A 388 12.24 1.73 -22.00
N SER A 389 12.10 2.43 -20.87
CA SER A 389 11.98 3.88 -20.83
C SER A 389 12.32 4.42 -19.45
N ARG A 390 12.41 5.75 -19.33
CA ARG A 390 12.68 6.42 -18.05
C ARG A 390 11.45 6.26 -17.13
N ALA A 391 10.24 6.33 -17.69
CA ALA A 391 9.01 6.20 -16.89
C ALA A 391 8.91 4.77 -16.34
N ALA A 392 9.42 3.76 -17.10
CA ALA A 392 9.42 2.34 -16.68
C ALA A 392 10.45 2.09 -15.59
N ALA A 393 11.58 2.80 -15.64
CA ALA A 393 12.64 2.71 -14.64
C ALA A 393 12.17 3.37 -13.33
N LEU A 394 11.49 4.51 -13.41
CA LEU A 394 10.97 5.20 -12.20
C LEU A 394 9.88 4.34 -11.53
N SER A 395 9.01 3.71 -12.34
CA SER A 395 7.94 2.80 -11.90
C SER A 395 8.54 1.62 -11.07
N PHE A 396 9.60 1.02 -11.67
CA PHE A 396 10.32 -0.11 -11.13
C PHE A 396 11.03 0.26 -9.83
N VAL A 397 11.84 1.35 -9.83
CA VAL A 397 12.56 1.75 -8.62
C VAL A 397 11.58 2.09 -7.47
N SER A 398 10.45 2.70 -7.78
CA SER A 398 9.48 3.03 -6.72
C SER A 398 8.78 1.78 -6.16
N LEU A 399 8.77 0.67 -6.93
CA LEU A 399 8.20 -0.62 -6.49
C LEU A 399 9.11 -1.24 -5.41
N VAL A 400 10.41 -1.37 -5.74
CA VAL A 400 11.44 -1.89 -4.84
C VAL A 400 11.56 -1.02 -3.58
N ASP A 401 11.59 0.34 -3.77
CA ASP A 401 11.69 1.27 -2.66
C ASP A 401 10.44 1.18 -1.72
N GLY A 402 9.25 1.04 -2.29
CA GLY A 402 7.98 0.97 -1.54
C GLY A 402 7.92 -0.29 -0.67
N TYR A 403 8.43 -1.44 -1.19
CA TYR A 403 8.47 -2.70 -0.39
C TYR A 403 9.58 -2.62 0.67
N PHE A 404 10.70 -1.95 0.34
CA PHE A 404 11.79 -1.72 1.31
C PHE A 404 11.25 -0.94 2.55
N ARG A 405 10.45 0.11 2.32
CA ARG A 405 9.84 0.97 3.35
C ARG A 405 8.99 0.15 4.27
N LEU A 406 8.18 -0.72 3.69
CA LEU A 406 7.25 -1.56 4.43
C LEU A 406 7.90 -2.72 5.19
N THR A 407 8.93 -3.36 4.63
CA THR A 407 9.53 -4.55 5.24
C THR A 407 10.86 -4.34 5.99
N ALA A 408 11.60 -3.25 5.70
CA ALA A 408 12.93 -3.03 6.27
C ALA A 408 13.11 -1.75 7.07
N ASP A 409 12.72 -0.58 6.51
CA ASP A 409 12.96 0.72 7.18
C ASP A 409 11.89 1.77 6.84
N SER A 410 11.08 2.11 7.84
CA SER A 410 10.02 3.11 7.75
C SER A 410 10.51 4.53 7.42
N SER A 411 11.75 4.87 7.83
CA SER A 411 12.33 6.22 7.74
C SER A 411 13.52 6.33 6.81
N HIS A 412 13.61 5.47 5.79
CA HIS A 412 14.68 5.54 4.81
C HIS A 412 14.11 5.27 3.44
N TYR A 413 14.83 5.71 2.39
CA TYR A 413 14.44 5.45 1.01
C TYR A 413 15.71 5.06 0.29
N LEU A 414 15.60 4.27 -0.76
CA LEU A 414 16.72 3.71 -1.50
C LEU A 414 17.25 4.49 -2.64
N CYS A 415 16.45 5.45 -3.18
CA CYS A 415 16.81 6.23 -4.35
C CYS A 415 16.10 7.58 -4.33
N HIS A 416 16.86 8.68 -4.26
CA HIS A 416 16.38 10.08 -4.22
C HIS A 416 15.45 10.40 -5.41
N GLU A 417 15.71 9.80 -6.61
CA GLU A 417 14.87 9.99 -7.81
C GLU A 417 13.40 9.71 -7.61
N VAL A 418 13.05 8.80 -6.67
CA VAL A 418 11.65 8.41 -6.47
C VAL A 418 11.14 8.60 -5.06
N ALA A 419 11.87 9.32 -4.23
CA ALA A 419 11.54 9.44 -2.82
C ALA A 419 10.21 10.13 -2.53
N PRO A 420 9.37 9.55 -1.63
CA PRO A 420 8.10 10.22 -1.29
C PRO A 420 8.37 11.58 -0.66
N PRO A 421 7.75 12.67 -1.17
CA PRO A 421 8.04 14.02 -0.63
C PRO A 421 7.78 14.17 0.86
N ARG A 422 6.68 13.54 1.36
CA ARG A 422 6.32 13.61 2.77
C ARG A 422 7.37 12.86 3.62
N LEU A 423 8.04 11.81 3.03
CA LEU A 423 9.09 11.10 3.75
C LEU A 423 10.38 11.92 3.82
N VAL A 424 10.79 12.56 2.69
CA VAL A 424 11.97 13.42 2.60
C VAL A 424 11.87 14.52 3.68
N MET A 425 10.70 15.18 3.75
CA MET A 425 10.38 16.17 4.76
C MET A 425 10.53 15.55 6.16
N SER A 426 9.83 14.42 6.44
CA SER A 426 9.89 13.70 7.72
C SER A 426 11.33 13.36 8.18
N ILE A 427 12.18 12.88 7.26
CA ILE A 427 13.57 12.52 7.54
C ILE A 427 14.36 13.76 7.98
N ARG A 428 14.24 14.87 7.22
CA ARG A 428 14.92 16.10 7.57
C ARG A 428 14.36 16.80 8.83
N ASP A 429 13.04 16.72 9.08
CA ASP A 429 12.43 17.36 10.24
C ASP A 429 12.31 16.47 11.50
N GLY A 430 12.86 15.25 11.44
CA GLY A 430 12.83 14.30 12.54
C GLY A 430 11.44 13.88 12.99
N ILE A 431 10.55 13.62 12.01
CA ILE A 431 9.15 13.22 12.26
C ILE A 431 9.00 11.72 12.08
N HIS A 432 8.26 11.06 12.99
CA HIS A 432 7.97 9.62 12.92
C HIS A 432 6.68 9.41 12.09
N GLY A 433 6.46 8.19 11.59
CA GLY A 433 5.25 7.87 10.85
C GLY A 433 4.08 7.74 11.81
N PRO A 434 2.87 7.29 11.36
CA PRO A 434 1.73 7.13 12.29
C PRO A 434 1.90 5.94 13.27
N LEU A 435 2.75 6.12 14.29
CA LEU A 435 3.06 5.12 15.34
C LEU A 435 1.88 4.92 16.29
N LEU A 436 1.64 3.68 16.69
CA LEU A 436 0.59 3.41 17.67
C LEU A 436 1.14 3.72 19.07
N GLU A 437 0.25 4.03 20.02
CA GLU A 437 0.56 4.37 21.42
C GLU A 437 1.71 3.54 22.13
N PRO A 438 1.76 2.17 22.11
CA PRO A 438 2.85 1.47 22.81
C PRO A 438 4.25 1.76 22.25
N PHE A 439 4.35 2.06 20.94
CA PHE A 439 5.64 2.36 20.32
C PHE A 439 6.17 3.74 20.72
N VAL A 440 5.26 4.72 20.94
CA VAL A 440 5.66 6.07 21.35
C VAL A 440 6.09 6.04 22.85
N GLN A 441 5.37 5.23 23.67
CA GLN A 441 5.65 5.00 25.10
C GLN A 441 7.05 4.43 25.29
N ALA A 442 7.42 3.40 24.49
CA ALA A 442 8.77 2.80 24.49
C ALA A 442 9.83 3.86 24.16
N LYS A 443 9.45 4.91 23.41
CA LYS A 443 10.40 5.98 23.08
C LYS A 443 10.52 7.05 24.17
N LEU A 444 9.41 7.39 24.85
CA LEU A 444 9.40 8.43 25.89
C LEU A 444 9.80 7.97 27.30
N ARG A 445 9.54 6.68 27.63
CA ARG A 445 9.82 6.09 28.94
C ARG A 445 11.28 6.13 29.48
N PRO A 446 12.36 6.02 28.66
CA PRO A 446 13.71 6.03 29.23
C PRO A 446 14.08 7.22 30.13
N GLU A 447 13.63 8.44 29.77
CA GLU A 447 13.98 9.65 30.51
C GLU A 447 12.87 10.66 30.57
N ASP A 448 12.93 11.51 31.59
CA ASP A 448 12.06 12.67 31.76
C ASP A 448 12.60 13.74 30.76
N GLY A 449 11.72 14.60 30.25
CA GLY A 449 12.09 15.63 29.29
C GLY A 449 12.11 15.22 27.83
N LEU A 450 11.81 13.94 27.56
CA LEU A 450 11.76 13.41 26.19
C LEU A 450 10.46 13.74 25.51
N TYR A 451 10.54 14.03 24.19
CA TYR A 451 9.38 14.31 23.36
C TYR A 451 9.61 13.84 21.91
N LEU A 452 8.52 13.70 21.16
CA LEU A 452 8.59 13.32 19.76
C LEU A 452 7.43 13.87 18.96
N ILE A 453 7.64 13.93 17.63
CA ILE A 453 6.60 14.37 16.70
C ILE A 453 6.33 13.22 15.73
N HIS A 454 5.07 12.88 15.54
CA HIS A 454 4.66 11.83 14.60
C HIS A 454 3.40 12.24 13.86
N TRP A 455 3.25 11.72 12.62
CA TRP A 455 2.05 11.92 11.80
C TRP A 455 0.88 11.27 12.53
N SER A 456 -0.29 11.90 12.52
CA SER A 456 -1.48 11.37 13.20
C SER A 456 -1.90 10.01 12.59
N THR A 457 -2.41 9.09 13.43
CA THR A 457 -2.87 7.77 13.00
C THR A 457 -4.29 7.81 12.40
N SER A 458 -4.96 8.97 12.48
CA SER A 458 -6.32 9.14 11.99
C SER A 458 -6.47 10.31 11.01
N HIS A 459 -5.74 11.42 11.23
CA HIS A 459 -5.86 12.61 10.40
C HIS A 459 -4.68 12.74 9.42
N PRO A 460 -4.93 12.88 8.09
CA PRO A 460 -3.82 12.92 7.11
C PRO A 460 -2.90 14.13 7.10
N TYR A 461 -3.41 15.28 7.56
CA TYR A 461 -2.65 16.54 7.54
C TYR A 461 -2.24 17.05 8.94
N ARG A 462 -2.41 16.20 9.95
CA ARG A 462 -2.12 16.55 11.33
C ARG A 462 -0.88 15.85 11.86
N LEU A 463 -0.03 16.61 12.56
CA LEU A 463 1.14 16.07 13.22
C LEU A 463 0.89 16.11 14.73
N ILE A 464 1.44 15.13 15.46
CA ILE A 464 1.27 15.03 16.91
C ILE A 464 2.56 15.22 17.71
N LEU A 465 2.59 16.28 18.53
CA LEU A 465 3.70 16.50 19.45
C LEU A 465 3.28 15.77 20.70
N THR A 466 4.13 14.86 21.18
CA THR A 466 3.77 14.05 22.35
C THR A 466 4.82 14.05 23.48
N VAL A 467 4.31 14.15 24.73
CA VAL A 467 5.10 14.08 25.98
C VAL A 467 4.55 12.99 26.91
N ALA A 468 5.39 12.47 27.83
CA ALA A 468 5.00 11.45 28.81
C ALA A 468 5.02 12.06 30.21
N GLN A 469 3.99 11.76 30.99
CA GLN A 469 3.81 12.24 32.35
C GLN A 469 3.83 11.09 33.37
N ARG A 470 4.32 11.36 34.61
CA ARG A 470 4.34 10.46 35.77
C ARG A 470 2.89 10.17 36.14
N SER A 471 2.53 8.90 36.29
CA SER A 471 1.18 8.50 36.68
C SER A 471 1.22 7.25 37.56
N GLN A 472 0.10 6.94 38.24
CA GLN A 472 -0.03 5.75 39.09
C GLN A 472 -1.23 4.88 38.70
N ALA A 473 -0.95 3.73 38.06
CA ALA A 473 -1.91 2.72 37.60
C ALA A 473 -2.59 1.96 38.77
N PRO A 474 -3.78 1.31 38.58
CA PRO A 474 -4.40 0.57 39.69
C PRO A 474 -3.61 -0.66 40.13
N ASP A 475 -3.10 -0.60 41.39
CA ASP A 475 -2.25 -1.54 42.16
C ASP A 475 -1.25 -0.71 42.95
N GLY A 476 -1.03 0.52 42.48
CA GLY A 476 -0.09 1.47 43.06
C GLY A 476 1.25 1.47 42.35
N MET A 477 1.36 0.66 41.27
CA MET A 477 2.56 0.53 40.46
C MET A 477 2.67 1.71 39.50
N GLN A 478 3.85 2.38 39.49
CA GLN A 478 4.13 3.56 38.66
C GLN A 478 3.93 3.31 37.17
N SER A 479 3.10 4.18 36.54
CA SER A 479 2.74 4.11 35.12
C SER A 479 3.14 5.35 34.34
N LEU A 480 2.88 5.33 33.03
CA LEU A 480 3.22 6.38 32.08
C LEU A 480 1.96 6.89 31.39
N ARG A 481 1.72 8.22 31.46
CA ARG A 481 0.57 8.88 30.82
C ARG A 481 1.02 9.76 29.65
N LEU A 482 0.43 9.56 28.47
CA LEU A 482 0.78 10.37 27.30
C LEU A 482 -0.12 11.59 27.15
N ARG A 483 0.49 12.71 26.76
CA ARG A 483 -0.21 13.97 26.52
C ARG A 483 0.09 14.35 25.07
N LYS A 484 -0.98 14.43 24.25
CA LYS A 484 -0.90 14.68 22.80
C LYS A 484 -1.35 16.07 22.38
N PHE A 485 -0.50 16.76 21.58
CA PHE A 485 -0.78 18.13 21.12
C PHE A 485 -0.67 18.24 19.58
N PRO A 486 -1.70 18.79 18.89
CA PRO A 486 -1.66 18.85 17.42
C PRO A 486 -0.95 20.02 16.74
N ILE A 487 -0.14 19.69 15.72
CA ILE A 487 0.56 20.63 14.85
C ILE A 487 -0.20 20.57 13.50
N GLU A 488 -0.65 21.73 12.98
CA GLU A 488 -1.42 21.81 11.72
C GLU A 488 -0.83 22.89 10.84
N GLN A 489 -0.96 22.75 9.50
CA GLN A 489 -0.44 23.73 8.54
C GLN A 489 -1.54 24.66 8.05
N ALA A 493 3.98 26.97 7.08
CA ALA A 493 2.99 27.62 7.95
C ALA A 493 2.46 26.67 9.06
N PHE A 494 3.36 25.82 9.64
CA PHE A 494 3.00 24.88 10.70
C PHE A 494 2.77 25.57 12.04
N VAL A 495 1.59 25.33 12.66
CA VAL A 495 1.22 25.93 13.94
C VAL A 495 0.85 24.89 15.01
N LEU A 496 1.38 25.05 16.23
CA LEU A 496 1.04 24.19 17.36
C LEU A 496 -0.16 24.85 18.06
N GLU A 497 -1.32 24.15 18.11
CA GLU A 497 -2.57 24.65 18.71
C GLU A 497 -2.41 25.09 20.18
N GLY A 498 -2.21 26.39 20.38
CA GLY A 498 -2.04 27.02 21.69
C GLY A 498 -0.82 27.91 21.78
N TRP A 499 0.04 27.87 20.76
CA TRP A 499 1.27 28.66 20.67
C TRP A 499 1.15 29.69 19.54
N GLY A 500 1.12 30.97 19.92
CA GLY A 500 0.95 32.13 19.04
C GLY A 500 1.86 32.28 17.83
N ARG A 501 2.99 31.53 17.81
CA ARG A 501 3.96 31.57 16.71
C ARG A 501 3.55 30.70 15.51
N SER A 502 4.19 30.91 14.34
CA SER A 502 3.97 30.17 13.07
C SER A 502 5.32 29.94 12.39
N PHE A 503 5.58 28.71 11.89
CA PHE A 503 6.89 28.36 11.35
C PHE A 503 6.96 27.87 9.89
N PRO A 504 8.10 28.09 9.17
CA PRO A 504 8.19 27.61 7.78
C PRO A 504 8.17 26.09 7.67
N SER A 505 9.06 25.40 8.43
CA SER A 505 9.15 23.93 8.48
C SER A 505 8.98 23.43 9.93
N VAL A 506 8.74 22.11 10.10
CA VAL A 506 8.56 21.46 11.40
C VAL A 506 9.91 21.41 12.14
N ARG A 507 11.03 21.33 11.40
CA ARG A 507 12.39 21.34 11.95
C ARG A 507 12.61 22.70 12.66
N GLU A 508 12.14 23.80 12.05
CA GLU A 508 12.21 25.18 12.56
C GLU A 508 11.30 25.34 13.78
N LEU A 509 10.15 24.68 13.76
CA LEU A 509 9.22 24.73 14.84
C LEU A 509 9.69 23.89 16.01
N GLY A 510 10.37 22.80 15.70
CA GLY A 510 10.98 21.91 16.67
C GLY A 510 12.23 22.47 17.30
N ALA A 511 13.03 23.24 16.52
CA ALA A 511 14.27 23.88 16.99
C ALA A 511 13.95 24.98 18.01
N ALA A 512 12.82 25.70 17.79
CA ALA A 512 12.33 26.74 18.70
C ALA A 512 11.79 26.09 19.97
N LEU A 513 11.15 24.93 19.82
CA LEU A 513 10.56 24.10 20.89
C LEU A 513 11.61 23.63 21.88
N GLN A 514 12.84 23.33 21.40
CA GLN A 514 13.98 22.87 22.20
C GLN A 514 14.34 23.84 23.30
N GLY A 515 14.35 23.33 24.52
CA GLY A 515 14.64 24.10 25.74
C GLY A 515 13.44 24.81 26.36
N CYS A 516 12.30 24.86 25.63
CA CYS A 516 11.09 25.52 26.13
C CYS A 516 10.33 24.66 27.11
N LEU A 517 9.27 25.23 27.72
CA LEU A 517 8.41 24.54 28.68
C LEU A 517 6.99 24.53 28.19
N LEU A 518 6.36 23.35 28.18
CA LEU A 518 4.99 23.15 27.72
C LEU A 518 4.02 23.12 28.91
N ARG A 519 2.92 23.89 28.82
CA ARG A 519 1.91 23.94 29.88
C ARG A 519 0.57 23.40 29.42
N ALA A 520 0.09 22.35 30.08
CA ALA A 520 -1.20 21.72 29.80
C ALA A 520 -1.99 21.63 31.11
N GLY A 521 -2.96 22.53 31.27
CA GLY A 521 -3.77 22.64 32.47
C GLY A 521 -2.93 23.18 33.61
N ASP A 522 -2.67 22.32 34.61
CA ASP A 522 -1.83 22.67 35.76
C ASP A 522 -0.46 22.02 35.70
N ASP A 523 -0.22 21.20 34.66
CA ASP A 523 1.03 20.47 34.46
C ASP A 523 2.03 21.18 33.55
N CYS A 524 3.31 20.88 33.76
CA CYS A 524 4.40 21.44 32.96
C CYS A 524 5.29 20.32 32.46
N PHE A 525 5.89 20.51 31.27
CA PHE A 525 6.73 19.48 30.65
C PHE A 525 7.97 20.09 30.02
N SER A 526 9.13 19.57 30.40
CA SER A 526 10.41 20.04 29.87
C SER A 526 10.63 19.41 28.48
N LEU A 527 10.80 20.26 27.46
CA LEU A 527 11.07 19.80 26.11
C LEU A 527 12.58 19.79 25.93
N ARG A 528 13.22 18.81 26.57
CA ARG A 528 14.67 18.66 26.64
C ARG A 528 15.27 17.98 25.39
N ARG A 529 14.70 16.84 24.95
CA ARG A 529 15.24 16.15 23.77
C ARG A 529 14.14 15.53 22.91
N CYS A 530 14.24 15.74 21.59
CA CYS A 530 13.30 15.18 20.63
C CYS A 530 13.82 13.83 20.20
N CYS A 531 13.03 12.77 20.43
CA CYS A 531 13.38 11.41 19.99
C CYS A 531 13.31 11.40 18.45
N LEU A 532 14.31 10.80 17.82
CA LEU A 532 14.37 10.74 16.37
C LEU A 532 14.17 9.33 15.85
N PRO A 533 13.59 9.16 14.63
CA PRO A 533 13.44 7.81 14.09
C PRO A 533 14.82 7.16 13.90
N GLN A 534 14.93 5.88 14.28
CA GLN A 534 16.18 5.13 14.21
C GLN A 534 16.14 4.15 13.05
N PRO A 535 17.27 3.92 12.31
CA PRO A 535 17.23 2.96 11.19
C PRO A 535 16.85 1.53 11.61
N GLY A 536 15.93 0.92 10.85
CA GLY A 536 15.46 -0.44 11.08
C GLY A 536 14.55 -0.66 12.28
N GLU A 537 14.25 0.39 13.05
CA GLU A 537 13.39 0.25 14.24
C GLU A 537 12.02 -0.34 13.89
N THR A 538 11.57 -1.32 14.68
CA THR A 538 10.30 -1.98 14.47
C THR A 538 9.18 -1.11 15.07
N SER A 539 7.98 -1.21 14.47
CA SER A 539 6.76 -0.49 14.85
C SER A 539 5.62 -1.13 14.06
N ASN A 540 4.37 -0.64 14.27
CA ASN A 540 3.20 -1.09 13.52
C ASN A 540 3.37 -0.77 12.01
N LEU A 541 4.31 0.12 11.64
CA LEU A 541 4.54 0.49 10.23
C LEU A 541 5.33 -0.58 9.49
N ILE A 542 5.94 -1.50 10.23
CA ILE A 542 6.73 -2.59 9.65
C ILE A 542 5.83 -3.80 9.45
N ILE A 543 5.96 -4.42 8.28
CA ILE A 543 5.18 -5.59 7.91
C ILE A 543 6.06 -6.79 8.08
N MET A 544 5.63 -7.69 8.97
CA MET A 544 6.35 -8.91 9.28
C MET A 544 5.85 -10.04 8.41
N ARG A 545 6.78 -10.73 7.79
CA ARG A 545 6.51 -11.87 6.93
C ARG A 545 6.84 -13.12 7.75
N GLY A 546 5.79 -13.93 7.98
CA GLY A 546 5.83 -15.16 8.77
C GLY A 546 6.78 -16.21 8.24
N ASN B 16 -11.21 -7.80 14.13
CA ASN B 16 -10.47 -9.05 14.14
C ASN B 16 -9.52 -9.15 12.93
N LEU B 17 -10.08 -9.29 11.71
CA LEU B 17 -9.36 -9.40 10.45
C LEU B 17 -8.70 -8.07 10.08
N LEU B 18 -9.39 -6.97 10.41
CA LEU B 18 -9.05 -5.61 10.02
C LEU B 18 -8.56 -4.71 11.14
N LEU B 19 -7.77 -3.70 10.74
CA LEU B 19 -7.17 -2.68 11.61
C LEU B 19 -8.23 -1.84 12.29
N SER B 20 -8.19 -1.80 13.63
CA SER B 20 -9.14 -1.01 14.44
C SER B 20 -8.78 0.48 14.33
N THR B 21 -9.77 1.34 14.53
CA THR B 21 -9.54 2.79 14.48
C THR B 21 -8.76 3.26 15.71
N SER B 22 -7.89 4.26 15.52
CA SER B 22 -7.09 4.81 16.61
C SER B 22 -6.94 6.33 16.45
N GLU B 23 -7.84 7.09 17.10
CA GLU B 23 -7.79 8.55 17.06
C GLU B 23 -7.13 9.06 18.34
N GLU B 24 -6.15 9.95 18.21
CA GLU B 24 -5.44 10.53 19.35
C GLU B 24 -6.33 11.51 20.09
N GLN B 25 -6.41 11.42 21.41
CA GLN B 25 -7.16 12.41 22.17
C GLN B 25 -6.17 13.55 22.26
N ILE B 26 -6.52 14.71 21.74
CA ILE B 26 -5.58 15.80 21.72
C ILE B 26 -6.03 16.94 22.62
N GLU B 27 -5.06 17.73 23.05
CA GLU B 27 -5.26 18.72 24.08
C GLU B 27 -4.73 20.04 23.67
N LYS B 28 -5.18 21.07 24.39
CA LYS B 28 -4.76 22.46 24.16
C LYS B 28 -3.46 22.78 24.89
N CYS B 29 -2.51 23.35 24.15
CA CYS B 29 -1.15 23.72 24.51
C CYS B 29 -1.01 25.14 25.12
N PHE B 30 0.24 25.49 25.53
CA PHE B 30 0.76 26.76 26.02
C PHE B 30 2.27 26.62 26.21
N ILE B 31 3.07 27.52 25.60
CA ILE B 31 4.54 27.46 25.64
C ILE B 31 5.21 28.63 26.40
N ILE B 32 6.22 28.31 27.23
CA ILE B 32 7.05 29.24 27.99
C ILE B 32 8.44 29.21 27.36
N GLU B 33 8.88 30.37 26.84
CA GLU B 33 10.15 30.55 26.12
C GLU B 33 11.38 30.71 27.02
N ASN B 34 12.60 30.71 26.39
CA ASN B 34 13.98 30.82 26.91
C ASN B 34 14.72 29.48 26.85
C1 GOL C . 0.74 7.45 -0.97
O1 GOL C . 1.26 7.13 -2.26
C2 GOL C . 1.81 7.39 0.10
O2 GOL C . 3.05 7.89 -0.43
C3 GOL C . 1.40 8.24 1.27
O3 GOL C . 2.49 8.53 2.13
C1 GOL D . 20.13 12.24 -14.79
O1 GOL D . 19.67 12.89 -15.98
C2 GOL D . 19.47 10.88 -14.64
O2 GOL D . 20.14 9.91 -15.46
C3 GOL D . 19.48 10.44 -13.19
O3 GOL D . 18.56 9.37 -12.97
C1 GOL E . 2.45 -8.56 -14.45
O1 GOL E . 2.81 -7.47 -13.61
C2 GOL E . 1.65 -9.61 -13.70
O2 GOL E . 2.37 -10.06 -12.54
C3 GOL E . 0.26 -9.16 -13.31
O3 GOL E . 0.28 -8.12 -12.34
#